data_3UPV
#
_entry.id   3UPV
#
_cell.length_a   38.630
_cell.length_b   38.630
_cell.length_c   176.640
_cell.angle_alpha   90.00
_cell.angle_beta   90.00
_cell.angle_gamma   90.00
#
_symmetry.space_group_name_H-M   'P 41 21 2'
#
loop_
_entity.id
_entity.type
_entity.pdbx_description
1 polymer 'Heat shock protein STI1'
2 polymer 'Heat shock protein SSA4'
3 water water
#
loop_
_entity_poly.entity_id
_entity_poly.type
_entity_poly.pdbx_seq_one_letter_code
_entity_poly.pdbx_strand_id
1 'polypeptide(L)'
;SMKAEEARLEGKEYFTKSDWPNAVKAYTEMIKRAPEDARGYSNRAAALAKLMSFPEAIADCNKAIEKDPNFVRAYIRKAT
AQIAVKEYASALETLDAARTKDAEVNNGSSAREIDQLYYKASQQRF
;
A
2 'polypeptide(L)' PTVEEVD B
#
# COMPACT_ATOMS: atom_id res chain seq x y z
N SER A 1 -8.03 18.36 -4.93
CA SER A 1 -7.56 19.77 -5.10
C SER A 1 -6.15 19.85 -5.73
N MET A 2 -5.83 21.01 -6.29
CA MET A 2 -4.48 21.20 -6.84
C MET A 2 -3.36 21.00 -5.79
N LYS A 3 -3.60 21.46 -4.57
CA LYS A 3 -2.63 21.31 -3.50
C LYS A 3 -2.49 19.85 -3.01
N ALA A 4 -3.53 19.07 -3.16
CA ALA A 4 -3.43 17.61 -2.88
C ALA A 4 -2.56 16.95 -3.91
N GLU A 5 -2.75 17.38 -5.16
CA GLU A 5 -1.98 16.91 -6.26
C GLU A 5 -0.49 17.31 -6.14
N GLU A 6 -0.19 18.56 -5.77
CA GLU A 6 1.20 18.95 -5.51
C GLU A 6 1.81 18.09 -4.42
N ALA A 7 1.05 17.91 -3.33
CA ALA A 7 1.52 17.00 -2.29
C ALA A 7 1.80 15.57 -2.76
N ARG A 8 0.95 15.05 -3.64
CA ARG A 8 1.19 13.68 -4.19
C ARG A 8 2.51 13.69 -5.00
N LEU A 9 2.76 14.77 -5.76
CA LEU A 9 3.99 14.84 -6.60
C LEU A 9 5.24 14.99 -5.81
N GLU A 10 5.17 15.82 -4.77
CA GLU A 10 6.21 15.97 -3.79
C GLU A 10 6.50 14.62 -3.15
N GLY A 11 5.41 13.92 -2.75
CA GLY A 11 5.55 12.62 -2.13
C GLY A 11 6.35 11.69 -3.00
N LYS A 12 5.94 11.66 -4.28
CA LYS A 12 6.50 10.77 -5.25
C LYS A 12 7.94 11.10 -5.46
N GLU A 13 8.29 12.38 -5.53
CA GLU A 13 9.70 12.75 -5.62
C GLU A 13 10.54 12.30 -4.38
N TYR A 14 10.03 12.56 -3.18
CA TYR A 14 10.72 12.13 -1.96
C TYR A 14 10.91 10.61 -1.94
N PHE A 15 9.88 9.90 -2.37
CA PHE A 15 9.88 8.44 -2.28
C PHE A 15 10.95 7.92 -3.26
N THR A 16 10.98 8.54 -4.43
CA THR A 16 11.84 8.15 -5.51
C THR A 16 13.28 8.29 -5.07
N LYS A 17 13.52 9.22 -4.15
CA LYS A 17 14.89 9.50 -3.70
C LYS A 17 15.19 8.80 -2.39
N SER A 18 14.26 7.94 -1.98
CA SER A 18 14.38 7.16 -0.74
C SER A 18 14.41 8.05 0.48
N ASP A 19 13.85 9.25 0.37
CA ASP A 19 13.68 10.10 1.57
C ASP A 19 12.34 9.77 2.22
N TRP A 20 12.31 8.69 2.99
CA TRP A 20 11.04 8.20 3.52
C TRP A 20 10.34 9.19 4.45
N PRO A 21 11.08 9.85 5.35
CA PRO A 21 10.38 10.69 6.30
C PRO A 21 9.72 11.89 5.63
N ASN A 22 10.36 12.41 4.59
CA ASN A 22 9.73 13.50 3.85
C ASN A 22 8.55 13.05 2.98
N ALA A 23 8.63 11.84 2.37
CA ALA A 23 7.44 11.21 1.78
C ALA A 23 6.29 11.09 2.77
N VAL A 24 6.55 10.58 4.00
CA VAL A 24 5.51 10.51 5.02
C VAL A 24 4.84 11.87 5.18
N LYS A 25 5.68 12.92 5.23
CA LYS A 25 5.17 14.25 5.53
C LYS A 25 4.28 14.71 4.37
N ALA A 26 4.78 14.48 3.14
CA ALA A 26 4.01 14.89 1.94
C ALA A 26 2.69 14.14 1.84
N TYR A 27 2.68 12.83 2.15
CA TYR A 27 1.46 12.06 2.02
C TYR A 27 0.47 12.40 3.13
N THR A 28 0.96 12.80 4.28
CA THR A 28 0.09 13.28 5.30
C THR A 28 -0.61 14.55 4.84
N GLU A 29 0.13 15.41 4.11
CA GLU A 29 -0.50 16.59 3.58
C GLU A 29 -1.51 16.22 2.50
N MET A 30 -1.17 15.29 1.57
CA MET A 30 -2.13 14.79 0.57
C MET A 30 -3.44 14.31 1.26
N ILE A 31 -3.28 13.59 2.35
CA ILE A 31 -4.38 13.02 3.12
C ILE A 31 -5.19 14.17 3.75
N LYS A 32 -4.55 15.17 4.37
CA LYS A 32 -5.30 16.31 4.89
C LYS A 32 -6.12 16.99 3.78
N ARG A 33 -5.50 17.16 2.62
CA ARG A 33 -6.12 17.93 1.49
C ARG A 33 -7.13 17.18 0.63
N ALA A 34 -7.01 15.85 0.59
CA ALA A 34 -7.95 15.00 -0.14
C ALA A 34 -8.22 13.74 0.69
N PRO A 35 -8.98 13.88 1.76
CA PRO A 35 -9.11 12.78 2.74
C PRO A 35 -9.88 11.57 2.23
N GLU A 36 -10.52 11.70 1.06
CA GLU A 36 -11.23 10.60 0.44
C GLU A 36 -10.44 9.88 -0.64
N ASP A 37 -9.23 10.39 -0.90
CA ASP A 37 -8.38 9.88 -1.95
C ASP A 37 -7.61 8.75 -1.33
N ALA A 38 -7.99 7.52 -1.67
CA ALA A 38 -7.25 6.31 -1.19
C ALA A 38 -5.73 6.33 -1.45
N ARG A 39 -5.28 6.99 -2.52
CA ARG A 39 -3.87 6.94 -2.88
C ARG A 39 -3.03 7.54 -1.75
N GLY A 40 -3.52 8.56 -1.08
CA GLY A 40 -2.69 9.19 -0.02
C GLY A 40 -2.35 8.21 1.10
N TYR A 41 -3.35 7.44 1.52
CA TYR A 41 -3.17 6.42 2.57
C TYR A 41 -2.22 5.34 2.10
N SER A 42 -2.48 4.78 0.92
CA SER A 42 -1.63 3.73 0.40
C SER A 42 -0.21 4.27 0.27
N ASN A 43 -0.07 5.53 -0.22
CA ASN A 43 1.25 6.10 -0.46
C ASN A 43 1.95 6.33 0.88
N ARG A 44 1.24 6.89 1.87
CA ARG A 44 1.92 7.04 3.15
C ARG A 44 2.31 5.68 3.71
N ALA A 45 1.42 4.66 3.57
CA ALA A 45 1.80 3.29 4.00
C ALA A 45 3.13 2.85 3.35
N ALA A 46 3.30 3.17 2.10
CA ALA A 46 4.51 2.69 1.39
C ALA A 46 5.74 3.26 2.07
N ALA A 47 5.64 4.54 2.43
CA ALA A 47 6.78 5.17 3.07
C ALA A 47 7.01 4.70 4.53
N LEU A 48 5.93 4.59 5.29
CA LEU A 48 6.01 4.07 6.65
C LEU A 48 6.60 2.62 6.61
N ALA A 49 6.24 1.82 5.63
CA ALA A 49 6.74 0.44 5.54
C ALA A 49 8.27 0.48 5.32
N LYS A 50 8.75 1.44 4.53
CA LYS A 50 10.19 1.52 4.28
C LYS A 50 10.89 1.88 5.56
N LEU A 51 10.18 2.63 6.39
CA LEU A 51 10.65 3.02 7.77
C LEU A 51 10.47 1.92 8.85
N MET A 52 9.89 0.77 8.44
CA MET A 52 9.61 -0.38 9.32
C MET A 52 8.57 0.01 10.36
N SER A 53 7.68 0.94 10.00
CA SER A 53 6.57 1.32 10.93
C SER A 53 5.34 0.55 10.53
N PHE A 54 5.35 -0.77 10.82
CA PHE A 54 4.31 -1.63 10.23
C PHE A 54 2.83 -1.48 10.71
N PRO A 55 2.59 -1.34 11.99
CA PRO A 55 1.20 -1.09 12.54
C PRO A 55 0.57 0.12 11.84
N GLU A 56 1.33 1.23 11.74
CA GLU A 56 0.90 2.44 11.01
C GLU A 56 0.66 2.18 9.52
N ALA A 57 1.61 1.48 8.89
CA ALA A 57 1.43 1.15 7.47
C ALA A 57 0.17 0.35 7.28
N ILE A 58 -0.02 -0.62 8.18
CA ILE A 58 -1.21 -1.49 8.00
C ILE A 58 -2.53 -0.70 8.21
N ALA A 59 -2.52 0.19 9.20
CA ALA A 59 -3.66 1.05 9.45
C ALA A 59 -3.96 1.91 8.22
N ASP A 60 -2.91 2.40 7.54
CA ASP A 60 -3.17 3.23 6.34
C ASP A 60 -3.67 2.40 5.17
N CYS A 61 -3.12 1.20 4.99
CA CYS A 61 -3.63 0.34 3.97
C CYS A 61 -5.11 0.02 4.23
N ASN A 62 -5.47 -0.28 5.49
CA ASN A 62 -6.89 -0.49 5.84
C ASN A 62 -7.79 0.71 5.49
N LYS A 63 -7.28 1.90 5.76
CA LYS A 63 -8.02 3.13 5.42
C LYS A 63 -8.14 3.29 3.88
N ALA A 64 -7.06 3.01 3.13
CA ALA A 64 -7.11 3.05 1.68
C ALA A 64 -8.18 2.10 1.14
N ILE A 65 -8.25 0.92 1.74
CA ILE A 65 -9.24 -0.10 1.39
C ILE A 65 -10.66 0.43 1.64
N GLU A 66 -10.85 1.17 2.73
CA GLU A 66 -12.18 1.78 2.96
C GLU A 66 -12.53 2.85 1.91
N LYS A 67 -11.54 3.62 1.48
CA LYS A 67 -11.81 4.73 0.58
C LYS A 67 -12.04 4.23 -0.86
N ASP A 68 -11.26 3.24 -1.31
CA ASP A 68 -11.38 2.67 -2.68
C ASP A 68 -11.26 1.15 -2.65
N PRO A 69 -12.37 0.43 -2.66
CA PRO A 69 -12.21 -1.02 -2.62
C PRO A 69 -11.61 -1.63 -3.89
N ASN A 70 -11.54 -0.89 -5.00
CA ASN A 70 -10.91 -1.42 -6.21
C ASN A 70 -9.43 -1.11 -6.34
N PHE A 71 -8.89 -0.49 -5.30
CA PHE A 71 -7.49 -0.14 -5.25
C PHE A 71 -6.67 -1.39 -4.86
N VAL A 72 -6.32 -2.19 -5.88
CA VAL A 72 -5.64 -3.46 -5.66
C VAL A 72 -4.30 -3.29 -4.86
N ARG A 73 -3.59 -2.20 -5.15
CA ARG A 73 -2.25 -1.97 -4.55
C ARG A 73 -2.32 -1.95 -3.06
N ALA A 74 -3.41 -1.40 -2.53
CA ALA A 74 -3.57 -1.30 -1.06
C ALA A 74 -3.63 -2.70 -0.44
N TYR A 75 -4.30 -3.62 -1.12
CA TYR A 75 -4.36 -4.99 -0.63
C TYR A 75 -3.00 -5.67 -0.66
N ILE A 76 -2.27 -5.47 -1.78
CA ILE A 76 -0.98 -6.10 -1.89
C ILE A 76 -0.01 -5.51 -0.84
N ARG A 77 -0.07 -4.18 -0.71
CA ARG A 77 0.74 -3.53 0.32
C ARG A 77 0.47 -4.02 1.74
N LYS A 78 -0.81 -4.07 2.09
CA LYS A 78 -1.18 -4.58 3.41
C LYS A 78 -0.66 -6.00 3.68
N ALA A 79 -0.82 -6.91 2.70
CA ALA A 79 -0.35 -8.29 2.86
C ALA A 79 1.13 -8.31 3.08
N THR A 80 1.85 -7.47 2.34
CA THR A 80 3.34 -7.41 2.48
C THR A 80 3.68 -6.96 3.93
N ALA A 81 2.99 -5.96 4.46
CA ALA A 81 3.20 -5.51 5.84
C ALA A 81 2.78 -6.57 6.81
N GLN A 82 1.71 -7.28 6.51
CA GLN A 82 1.28 -8.37 7.44
C GLN A 82 2.34 -9.50 7.49
N ILE A 83 2.96 -9.82 6.35
CA ILE A 83 4.02 -10.77 6.38
C ILE A 83 5.17 -10.24 7.26
N ALA A 84 5.44 -8.94 7.17
CA ALA A 84 6.56 -8.41 7.92
C ALA A 84 6.40 -8.55 9.40
N VAL A 85 5.15 -8.47 9.85
CA VAL A 85 4.82 -8.62 11.27
C VAL A 85 4.32 -10.01 11.65
N LYS A 86 4.56 -10.98 10.77
CA LYS A 86 4.26 -12.44 11.03
C LYS A 86 2.77 -12.71 11.27
N GLU A 87 1.95 -11.85 10.70
CA GLU A 87 0.52 -12.13 10.65
C GLU A 87 0.28 -12.90 9.34
N TYR A 88 0.82 -14.09 9.29
CA TYR A 88 0.68 -14.94 8.11
C TYR A 88 -0.73 -15.35 7.70
N ALA A 89 -1.51 -15.81 8.66
CA ALA A 89 -2.89 -16.25 8.34
C ALA A 89 -3.65 -15.07 7.76
N SER A 90 -3.46 -13.90 8.36
CA SER A 90 -4.20 -12.74 7.88
C SER A 90 -3.72 -12.35 6.52
N ALA A 91 -2.42 -12.47 6.30
CA ALA A 91 -1.87 -12.14 4.98
C ALA A 91 -2.42 -13.00 3.89
N LEU A 92 -2.57 -14.28 4.17
CA LEU A 92 -3.07 -15.18 3.14
C LEU A 92 -4.52 -14.76 2.76
N GLU A 93 -5.31 -14.35 3.75
CA GLU A 93 -6.68 -13.87 3.51
C GLU A 93 -6.68 -12.57 2.69
N THR A 94 -5.73 -11.68 3.02
CA THR A 94 -5.65 -10.45 2.34
C THR A 94 -5.22 -10.73 0.87
N LEU A 95 -4.31 -11.69 0.68
CA LEU A 95 -3.86 -12.03 -0.66
C LEU A 95 -4.95 -12.66 -1.50
N ASP A 96 -5.81 -13.47 -0.85
CA ASP A 96 -7.01 -14.02 -1.55
C ASP A 96 -7.89 -12.92 -2.14
N ALA A 97 -8.06 -11.86 -1.36
CA ALA A 97 -8.89 -10.72 -1.76
C ALA A 97 -8.21 -9.90 -2.84
N ALA A 98 -6.87 -9.80 -2.73
CA ALA A 98 -6.08 -9.06 -3.67
C ALA A 98 -6.11 -9.82 -4.97
N ARG A 99 -6.06 -11.15 -4.95
CA ARG A 99 -6.02 -11.89 -6.23
C ARG A 99 -7.32 -11.71 -7.01
N THR A 100 -8.41 -11.76 -6.29
CA THR A 100 -9.77 -11.57 -6.86
C THR A 100 -9.95 -10.20 -7.48
N LYS A 101 -9.64 -9.16 -6.70
CA LYS A 101 -9.66 -7.77 -7.18
C LYS A 101 -8.70 -7.58 -8.34
N ASP A 102 -7.53 -8.21 -8.30
CA ASP A 102 -6.56 -8.04 -9.37
C ASP A 102 -7.12 -8.55 -10.70
N ALA A 103 -7.70 -9.74 -10.68
CA ALA A 103 -8.45 -10.24 -11.84
C ALA A 103 -9.58 -9.32 -12.33
N GLU A 104 -10.45 -8.86 -11.40
CA GLU A 104 -11.55 -7.97 -11.72
C GLU A 104 -11.15 -6.64 -12.33
N VAL A 105 -10.26 -5.94 -11.61
CA VAL A 105 -9.94 -4.58 -12.03
C VAL A 105 -8.71 -4.48 -12.93
N ASN A 106 -7.65 -5.26 -12.62
CA ASN A 106 -6.41 -5.24 -13.44
C ASN A 106 -6.27 -6.37 -14.46
N ASN A 107 -7.28 -7.23 -14.56
CA ASN A 107 -7.19 -8.35 -15.51
C ASN A 107 -5.91 -9.20 -15.34
N GLY A 108 -5.51 -9.36 -14.09
CA GLY A 108 -4.46 -10.31 -13.79
C GLY A 108 -3.05 -9.75 -13.75
N SER A 109 -2.89 -8.43 -13.90
CA SER A 109 -1.56 -7.89 -14.11
C SER A 109 -0.63 -8.00 -12.88
N SER A 110 -1.21 -8.10 -11.67
CA SER A 110 -0.36 -8.29 -10.50
C SER A 110 -0.33 -9.71 -9.97
N ALA A 111 -0.79 -10.65 -10.77
CA ALA A 111 -0.89 -12.06 -10.34
C ALA A 111 0.40 -12.63 -9.86
N ARG A 112 1.51 -12.35 -10.61
CA ARG A 112 2.79 -12.92 -10.22
C ARG A 112 3.20 -12.46 -8.84
N GLU A 113 3.01 -11.16 -8.56
CA GLU A 113 3.46 -10.64 -7.28
C GLU A 113 2.61 -11.24 -6.15
N ILE A 114 1.32 -11.38 -6.40
CA ILE A 114 0.44 -11.85 -5.35
C ILE A 114 0.74 -13.31 -5.06
N ASP A 115 1.00 -14.09 -6.11
CA ASP A 115 1.29 -15.53 -5.96
C ASP A 115 2.63 -15.74 -5.18
N GLN A 116 3.59 -14.90 -5.36
CA GLN A 116 4.83 -15.12 -4.62
C GLN A 116 4.72 -14.67 -3.15
N LEU A 117 3.90 -13.64 -2.91
CA LEU A 117 3.57 -13.26 -1.52
C LEU A 117 2.83 -14.38 -0.86
N TYR A 118 1.90 -15.00 -1.58
CA TYR A 118 1.10 -16.08 -1.01
C TYR A 118 1.99 -17.25 -0.61
N TYR A 119 2.91 -17.59 -1.51
CA TYR A 119 3.83 -18.72 -1.30
C TYR A 119 4.68 -18.44 -0.05
N LYS A 120 5.12 -17.20 0.09
CA LYS A 120 6.06 -16.79 1.12
C LYS A 120 5.28 -16.82 2.46
N ALA A 121 4.07 -16.27 2.46
CA ALA A 121 3.23 -16.33 3.68
C ALA A 121 2.91 -17.75 4.12
N SER A 122 2.55 -18.59 3.15
CA SER A 122 2.22 -19.99 3.47
C SER A 122 3.40 -20.76 4.08
N GLN A 123 4.56 -20.64 3.47
CA GLN A 123 5.73 -21.31 4.00
C GLN A 123 6.12 -20.84 5.39
N GLN A 124 6.06 -19.52 5.66
CA GLN A 124 6.47 -19.08 7.01
C GLN A 124 5.44 -19.46 8.06
N ARG A 125 4.19 -19.67 7.64
CA ARG A 125 3.13 -19.92 8.60
C ARG A 125 3.38 -21.26 9.22
N PRO B 1 8.02 -4.08 -7.61
CA PRO B 1 6.95 -4.70 -6.87
C PRO B 1 6.31 -3.60 -6.03
N THR B 2 5.22 -3.94 -5.37
CA THR B 2 4.37 -2.94 -4.75
C THR B 2 5.07 -2.09 -3.72
N VAL B 3 6.04 -2.66 -3.01
CA VAL B 3 6.66 -1.95 -1.92
C VAL B 3 7.57 -0.80 -2.48
N GLU B 4 7.88 -0.85 -3.79
CA GLU B 4 8.69 0.13 -4.52
C GLU B 4 7.87 1.15 -5.33
N GLU B 5 6.55 1.04 -5.27
CA GLU B 5 5.65 1.78 -6.09
C GLU B 5 4.78 2.72 -5.27
N VAL B 6 4.59 3.95 -5.76
CA VAL B 6 3.62 4.88 -5.18
C VAL B 6 2.71 5.37 -6.31
N ASP B 7 1.54 5.89 -5.93
CA ASP B 7 0.55 6.36 -6.91
C ASP B 7 0.49 7.90 -7.01
#